data_9GQE
#
_entry.id   9GQE
#
_cell.length_a   48.71
_cell.length_b   48.71
_cell.length_c   193.946
_cell.angle_alpha   90
_cell.angle_beta   90
_cell.angle_gamma   120
#
_symmetry.space_group_name_H-M   'P 32 2 1'
#
loop_
_entity.id
_entity.type
_entity.pdbx_description
1 polymer 'Peptidyl-prolyl cis-trans isomerase FKBP5'
2 non-polymer (2~{S},9~{S})-2-cyclohexyl-23,24-dimethoxy-11,17,21-trioxa-4-azatricyclo[20.3.1.0^{4,9}]hexacosa-1(26),22,24-triene-3,10-dione
3 water water
#
_entity_poly.entity_id   1
_entity_poly.type   'polypeptide(L)'
_entity_poly.pdbx_seq_one_letter_code
;GAPATVTEQGEDITSKKDRGVLKIVKRVGNGEETPMIGDKVYVHYKGKLSNGKKFDSSHDRNEPFVFSLGKGQVIKAWDI
GVATMKKGEIAHLLIKPEYAYGSAGSLPKIPSNATLFFEIELLDFKGE
;
_entity_poly.pdbx_strand_id   B,A
#
loop_
_chem_comp.id
_chem_comp.type
_chem_comp.name
_chem_comp.formula
A1IOB non-polymer (2~{S},9~{S})-2-cyclohexyl-23,24-dimethoxy-11,17,21-trioxa-4-azatricyclo[20.3.1.0^{4,9}]hexacosa-1(26),22,24-triene-3,10-dione 'C30 H45 N O7'
#
# COMPACT_ATOMS: atom_id res chain seq x y z
N GLY A 1 -13.25 -23.34 -5.60
CA GLY A 1 -12.81 -22.04 -5.06
C GLY A 1 -11.70 -21.45 -5.91
N ALA A 2 -12.03 -20.41 -6.67
CA ALA A 2 -11.14 -19.89 -7.69
C ALA A 2 -9.78 -19.54 -7.11
N PRO A 3 -9.67 -18.91 -5.91
CA PRO A 3 -8.36 -18.63 -5.30
C PRO A 3 -7.52 -19.87 -4.96
N ALA A 4 -8.19 -20.93 -4.48
CA ALA A 4 -7.53 -22.20 -4.19
C ALA A 4 -7.08 -22.89 -5.47
N THR A 5 -7.93 -22.89 -6.50
CA THR A 5 -7.60 -23.48 -7.79
C THR A 5 -6.28 -22.89 -8.28
N VAL A 6 -6.05 -21.59 -8.01
CA VAL A 6 -4.88 -20.86 -8.50
C VAL A 6 -3.64 -21.20 -7.68
N THR A 7 -3.82 -21.41 -6.37
CA THR A 7 -2.77 -21.94 -5.49
C THR A 7 -2.29 -23.29 -6.02
N GLU A 8 -3.18 -24.27 -6.13
CA GLU A 8 -2.82 -25.58 -6.65
C GLU A 8 -2.14 -25.48 -8.02
N GLN A 9 -2.73 -24.72 -8.95
CA GLN A 9 -2.54 -24.97 -10.37
C GLN A 9 -1.86 -23.81 -11.10
N GLY A 10 -1.60 -22.73 -10.37
CA GLY A 10 -1.01 -21.55 -10.96
C GLY A 10 0.46 -21.71 -11.33
N GLU A 11 0.83 -21.06 -12.41
CA GLU A 11 2.20 -20.84 -12.80
C GLU A 11 2.75 -19.68 -11.97
N ASP A 12 3.93 -19.88 -11.37
CA ASP A 12 4.67 -18.79 -10.75
C ASP A 12 5.37 -17.97 -11.82
N ILE A 13 4.90 -16.73 -11.97
CA ILE A 13 5.41 -15.84 -13.01
C ILE A 13 6.31 -14.77 -12.41
N THR A 14 6.73 -14.93 -11.14
CA THR A 14 7.68 -14.00 -10.55
C THR A 14 9.07 -14.33 -11.07
N SER A 15 9.92 -13.29 -11.06
CA SER A 15 11.34 -13.42 -11.40
C SER A 15 12.04 -14.28 -10.37
N LYS A 16 11.81 -13.90 -9.10
CA LYS A 16 12.49 -14.46 -7.95
C LYS A 16 11.89 -15.79 -7.56
N LYS A 17 10.83 -16.20 -8.26
CA LYS A 17 10.25 -17.54 -8.13
C LYS A 17 9.77 -17.72 -6.69
N ASP A 18 9.01 -16.75 -6.20
CA ASP A 18 8.57 -16.72 -4.81
C ASP A 18 7.06 -16.96 -4.68
N ARG A 19 6.41 -17.48 -5.73
CA ARG A 19 4.99 -17.78 -5.72
C ARG A 19 4.14 -16.58 -5.28
N GLY A 20 4.65 -15.37 -5.52
CA GLY A 20 4.01 -14.16 -5.08
C GLY A 20 2.91 -13.73 -6.05
N VAL A 21 3.02 -14.15 -7.32
CA VAL A 21 1.99 -13.95 -8.33
C VAL A 21 1.82 -15.29 -9.07
N LEU A 22 0.62 -15.85 -8.95
CA LEU A 22 0.26 -17.12 -9.56
C LEU A 22 -0.83 -16.92 -10.61
N LYS A 23 -0.72 -17.71 -11.71
CA LYS A 23 -1.54 -17.44 -12.87
C LYS A 23 -2.04 -18.75 -13.47
N ILE A 24 -3.35 -18.78 -13.74
CA ILE A 24 -3.91 -19.71 -14.68
C ILE A 24 -4.52 -18.89 -15.82
N VAL A 25 -4.32 -19.36 -17.05
CA VAL A 25 -5.07 -18.87 -18.20
C VAL A 25 -6.41 -19.61 -18.17
N LYS A 26 -7.53 -18.87 -18.30
CA LYS A 26 -8.86 -19.46 -18.25
C LYS A 26 -9.53 -19.36 -19.63
N ARG A 27 -9.20 -18.32 -20.40
CA ARG A 27 -9.60 -18.25 -21.81
C ARG A 27 -8.45 -17.67 -22.61
N VAL A 28 -8.21 -18.23 -23.81
CA VAL A 28 -7.01 -17.91 -24.57
C VAL A 28 -7.24 -16.64 -25.42
N GLY A 29 -6.17 -15.83 -25.56
CA GLY A 29 -6.19 -14.63 -26.38
C GLY A 29 -5.66 -14.89 -27.78
N ASN A 30 -5.32 -13.80 -28.48
CA ASN A 30 -5.03 -13.83 -29.90
C ASN A 30 -3.60 -13.39 -30.19
N GLY A 31 -3.04 -13.91 -31.28
CA GLY A 31 -1.75 -13.48 -31.78
C GLY A 31 -0.63 -13.99 -30.88
N GLU A 32 0.55 -13.36 -30.98
CA GLU A 32 1.63 -13.60 -30.02
C GLU A 32 2.13 -12.30 -29.41
N GLU A 33 1.59 -11.14 -29.83
CA GLU A 33 1.93 -9.86 -29.22
C GLU A 33 1.38 -9.82 -27.80
N THR A 34 2.25 -9.50 -26.83
CA THR A 34 1.79 -9.11 -25.51
C THR A 34 2.35 -7.73 -25.20
N PRO A 35 1.73 -6.97 -24.29
CA PRO A 35 2.07 -5.57 -24.13
C PRO A 35 3.43 -5.35 -23.46
N MET A 36 4.08 -4.28 -23.93
CA MET A 36 5.39 -3.87 -23.48
C MET A 36 5.20 -2.73 -22.48
N ILE A 37 6.27 -2.46 -21.74
CA ILE A 37 6.21 -1.43 -20.71
C ILE A 37 5.91 -0.08 -21.37
N GLY A 38 4.94 0.65 -20.82
CA GLY A 38 4.55 1.94 -21.35
C GLY A 38 3.37 1.82 -22.31
N ASP A 39 2.95 0.58 -22.62
CA ASP A 39 1.77 0.38 -23.44
C ASP A 39 0.54 0.84 -22.66
N LYS A 40 -0.46 1.36 -23.38
CA LYS A 40 -1.74 1.65 -22.77
C LYS A 40 -2.64 0.43 -22.94
N VAL A 41 -3.24 -0.03 -21.83
CA VAL A 41 -3.95 -1.30 -21.80
C VAL A 41 -5.38 -1.12 -21.25
N TYR A 42 -6.29 -1.88 -21.87
CA TYR A 42 -7.71 -1.82 -21.58
C TYR A 42 -8.14 -3.16 -21.01
N VAL A 43 -8.82 -3.16 -19.85
CA VAL A 43 -9.22 -4.42 -19.24
C VAL A 43 -10.62 -4.33 -18.62
N HIS A 44 -11.27 -5.50 -18.49
CA HIS A 44 -12.29 -5.72 -17.48
C HIS A 44 -11.74 -6.70 -16.45
N TYR A 45 -12.11 -6.47 -15.18
CA TYR A 45 -11.61 -7.30 -14.09
C TYR A 45 -12.69 -7.51 -13.02
N LYS A 46 -12.59 -8.65 -12.33
CA LYS A 46 -13.31 -8.86 -11.10
C LYS A 46 -12.27 -9.20 -10.05
N GLY A 47 -12.35 -8.57 -8.88
CA GLY A 47 -11.31 -8.65 -7.86
C GLY A 47 -11.88 -8.81 -6.46
N LYS A 48 -11.04 -9.33 -5.55
CA LYS A 48 -11.42 -9.50 -4.15
C LYS A 48 -10.20 -9.86 -3.32
N LEU A 49 -10.28 -9.57 -2.01
CA LEU A 49 -9.49 -10.25 -1.00
C LEU A 49 -9.80 -11.74 -1.12
N SER A 50 -8.84 -12.60 -0.85
CA SER A 50 -9.07 -14.03 -0.98
C SER A 50 -9.95 -14.52 0.17
N ASN A 51 -10.00 -13.71 1.25
CA ASN A 51 -10.95 -13.87 2.36
C ASN A 51 -12.39 -13.83 1.84
N GLY A 52 -12.62 -13.20 0.66
CA GLY A 52 -13.93 -13.08 0.04
C GLY A 52 -14.74 -11.96 0.69
N LYS A 53 -14.04 -11.00 1.32
CA LYS A 53 -14.64 -10.12 2.30
C LYS A 53 -14.94 -8.74 1.70
N LYS A 54 -14.10 -8.27 0.77
CA LYS A 54 -14.37 -7.11 -0.08
C LYS A 54 -14.25 -7.53 -1.55
N PHE A 55 -15.00 -6.86 -2.44
CA PHE A 55 -15.11 -7.27 -3.83
C PHE A 55 -15.16 -6.04 -4.74
N ASP A 56 -14.70 -6.15 -6.00
CA ASP A 56 -14.57 -4.98 -6.86
C ASP A 56 -14.57 -5.35 -8.33
N SER A 57 -15.24 -4.52 -9.14
CA SER A 57 -15.35 -4.76 -10.58
C SER A 57 -15.35 -3.44 -11.35
N SER A 58 -14.65 -3.45 -12.49
CA SER A 58 -14.77 -2.43 -13.51
C SER A 58 -16.24 -2.20 -13.88
N HIS A 59 -17.02 -3.29 -13.93
CA HIS A 59 -18.44 -3.27 -14.28
C HIS A 59 -19.25 -2.39 -13.32
N ASP A 60 -18.99 -2.46 -12.02
CA ASP A 60 -19.55 -1.49 -11.07
C ASP A 60 -19.53 -0.08 -11.67
N ARG A 61 -18.41 0.27 -12.32
CA ARG A 61 -18.20 1.62 -12.85
C ARG A 61 -18.76 1.77 -14.26
N ASN A 62 -19.11 0.66 -14.93
CA ASN A 62 -19.91 0.62 -16.15
C ASN A 62 -19.05 0.96 -17.36
N GLU A 63 -17.78 0.55 -17.35
CA GLU A 63 -16.76 1.08 -18.26
C GLU A 63 -15.45 0.30 -18.12
N PRO A 64 -14.54 0.33 -19.13
CA PRO A 64 -13.27 -0.37 -19.04
C PRO A 64 -12.27 0.34 -18.15
N PHE A 65 -11.33 -0.43 -17.59
CA PHE A 65 -10.28 0.11 -16.73
C PHE A 65 -8.98 0.18 -17.52
N VAL A 66 -8.38 1.37 -17.46
CA VAL A 66 -7.31 1.75 -18.35
C VAL A 66 -6.13 2.23 -17.51
N PHE A 67 -4.95 1.69 -17.80
CA PHE A 67 -3.71 2.14 -17.19
C PHE A 67 -2.53 1.94 -18.15
N SER A 68 -1.42 2.57 -17.78
CA SER A 68 -0.17 2.47 -18.51
C SER A 68 0.68 1.38 -17.86
N LEU A 69 1.02 0.37 -18.66
CA LEU A 69 1.70 -0.80 -18.13
C LEU A 69 3.08 -0.39 -17.62
N GLY A 70 3.39 -0.90 -16.43
CA GLY A 70 4.73 -0.83 -15.86
C GLY A 70 5.12 0.59 -15.44
N LYS A 71 4.13 1.45 -15.20
CA LYS A 71 4.42 2.81 -14.77
C LYS A 71 4.10 2.91 -13.27
N GLY A 72 3.76 1.76 -12.64
CA GLY A 72 3.30 1.78 -11.26
C GLY A 72 2.03 2.62 -11.05
N GLN A 73 1.12 2.58 -12.03
CA GLN A 73 -0.23 3.09 -11.80
C GLN A 73 -1.10 2.03 -11.12
N VAL A 74 -0.56 0.79 -11.01
CA VAL A 74 -1.23 -0.31 -10.35
C VAL A 74 -0.22 -1.04 -9.48
N ILE A 75 -0.68 -2.12 -8.83
CA ILE A 75 0.19 -2.95 -8.02
C ILE A 75 1.16 -3.70 -8.93
N LYS A 76 2.35 -4.00 -8.37
CA LYS A 76 3.42 -4.69 -9.06
C LYS A 76 2.87 -5.95 -9.77
N ALA A 77 1.93 -6.64 -9.12
CA ALA A 77 1.39 -7.87 -9.63
C ALA A 77 0.69 -7.67 -10.95
N TRP A 78 0.04 -6.52 -11.12
CA TRP A 78 -0.71 -6.27 -12.36
C TRP A 78 0.26 -6.00 -13.51
N ASP A 79 1.25 -5.13 -13.23
CA ASP A 79 2.30 -4.80 -14.17
C ASP A 79 3.01 -6.09 -14.61
N ILE A 80 3.17 -7.06 -13.71
CA ILE A 80 3.84 -8.29 -14.08
C ILE A 80 2.86 -9.19 -14.84
N GLY A 81 1.65 -9.37 -14.30
CA GLY A 81 0.78 -10.41 -14.82
C GLY A 81 0.20 -10.07 -16.19
N VAL A 82 -0.27 -8.83 -16.33
CA VAL A 82 -0.92 -8.37 -17.53
C VAL A 82 0.10 -8.44 -18.66
N ALA A 83 1.37 -8.19 -18.34
CA ALA A 83 2.42 -8.25 -19.36
C ALA A 83 2.50 -9.64 -20.00
N THR A 84 2.12 -10.69 -19.28
CA THR A 84 2.18 -12.05 -19.81
C THR A 84 0.94 -12.38 -20.63
N MET A 85 -0.01 -11.45 -20.79
CA MET A 85 -1.31 -11.76 -21.40
C MET A 85 -1.38 -11.32 -22.87
N LYS A 86 -2.28 -11.98 -23.63
CA LYS A 86 -2.55 -11.70 -25.03
C LYS A 86 -3.90 -11.02 -25.20
N LYS A 87 -4.07 -10.25 -26.27
CA LYS A 87 -5.35 -9.62 -26.57
C LYS A 87 -6.45 -10.70 -26.54
N GLY A 88 -7.46 -10.48 -25.69
CA GLY A 88 -8.58 -11.40 -25.60
C GLY A 88 -8.41 -12.48 -24.53
N GLU A 89 -7.27 -12.52 -23.85
CA GLU A 89 -7.06 -13.50 -22.79
C GLU A 89 -7.87 -13.14 -21.54
N ILE A 90 -8.40 -14.19 -20.88
CA ILE A 90 -8.83 -14.07 -19.50
C ILE A 90 -7.89 -14.92 -18.69
N ALA A 91 -7.42 -14.37 -17.57
CA ALA A 91 -6.63 -15.15 -16.66
C ALA A 91 -7.00 -14.83 -15.21
N HIS A 92 -6.59 -15.74 -14.32
CA HIS A 92 -6.81 -15.62 -12.88
C HIS A 92 -5.47 -15.36 -12.21
N LEU A 93 -5.44 -14.40 -11.27
CA LEU A 93 -4.23 -14.16 -10.51
C LEU A 93 -4.49 -14.33 -9.02
N LEU A 94 -3.55 -15.00 -8.35
CA LEU A 94 -3.49 -14.97 -6.90
C LEU A 94 -2.18 -14.29 -6.50
N ILE A 95 -2.28 -13.34 -5.57
CA ILE A 95 -1.18 -12.41 -5.32
C ILE A 95 -0.89 -12.32 -3.83
N LYS A 96 0.39 -12.45 -3.44
CA LYS A 96 0.80 -12.26 -2.06
C LYS A 96 1.02 -10.79 -1.79
N PRO A 97 0.96 -10.34 -0.51
CA PRO A 97 1.02 -8.91 -0.18
C PRO A 97 2.24 -8.16 -0.71
N GLU A 98 3.37 -8.87 -0.84
CA GLU A 98 4.58 -8.28 -1.39
C GLU A 98 4.38 -7.76 -2.82
N TYR A 99 3.41 -8.30 -3.56
CA TYR A 99 3.15 -7.82 -4.91
C TYR A 99 1.83 -7.03 -4.97
N ALA A 100 1.18 -6.88 -3.82
CA ALA A 100 -0.02 -6.06 -3.74
C ALA A 100 0.27 -4.88 -2.82
N TYR A 101 -0.27 -4.89 -1.59
CA TYR A 101 -0.32 -3.68 -0.77
C TYR A 101 0.47 -3.84 0.54
N GLY A 102 1.22 -4.95 0.67
CA GLY A 102 2.30 -5.09 1.64
C GLY A 102 1.79 -5.12 3.07
N SER A 103 2.71 -4.93 4.02
CA SER A 103 2.33 -4.99 5.42
C SER A 103 1.59 -3.71 5.82
N ALA A 104 1.73 -2.61 5.07
CA ALA A 104 1.05 -1.36 5.39
C ALA A 104 -0.43 -1.43 5.01
N GLY A 105 -0.72 -2.31 4.05
CA GLY A 105 -2.07 -2.49 3.53
C GLY A 105 -2.56 -1.24 2.82
N SER A 106 -3.88 -1.08 2.73
CA SER A 106 -4.46 0.12 2.14
C SER A 106 -5.87 0.33 2.68
N LEU A 107 -5.96 0.76 3.94
CA LEU A 107 -7.25 0.82 4.61
C LEU A 107 -8.08 1.98 4.05
N PRO A 108 -9.42 1.89 4.12
CA PRO A 108 -10.09 0.71 4.69
C PRO A 108 -10.24 -0.49 3.77
N LYS A 109 -10.10 -0.30 2.45
CA LYS A 109 -10.36 -1.37 1.49
C LYS A 109 -9.50 -2.60 1.77
N ILE A 110 -8.18 -2.39 1.93
CA ILE A 110 -7.23 -3.49 1.99
C ILE A 110 -6.56 -3.52 3.36
N PRO A 111 -6.61 -4.67 4.07
CA PRO A 111 -5.88 -4.83 5.32
C PRO A 111 -4.40 -5.13 5.12
N SER A 112 -3.65 -5.08 6.23
CA SER A 112 -2.26 -5.45 6.24
C SER A 112 -2.10 -6.90 5.77
N ASN A 113 -1.03 -7.15 5.03
CA ASN A 113 -0.65 -8.48 4.59
C ASN A 113 -1.77 -9.24 3.87
N ALA A 114 -2.57 -8.53 3.05
CA ALA A 114 -3.67 -9.15 2.31
C ALA A 114 -3.16 -9.92 1.11
N THR A 115 -3.80 -11.06 0.83
CA THR A 115 -3.70 -11.74 -0.46
C THR A 115 -4.89 -11.35 -1.32
N LEU A 116 -4.64 -11.09 -2.62
CA LEU A 116 -5.68 -10.68 -3.55
C LEU A 116 -5.88 -11.73 -4.66
N PHE A 117 -7.11 -11.75 -5.18
CA PHE A 117 -7.48 -12.58 -6.31
C PHE A 117 -8.17 -11.69 -7.34
N PHE A 118 -7.74 -11.79 -8.59
CA PHE A 118 -8.37 -11.11 -9.71
C PHE A 118 -8.70 -12.11 -10.81
N GLU A 119 -9.81 -11.84 -11.48
CA GLU A 119 -10.04 -12.32 -12.85
C GLU A 119 -9.90 -11.12 -13.79
N ILE A 120 -8.99 -11.24 -14.78
CA ILE A 120 -8.70 -10.17 -15.71
C ILE A 120 -8.91 -10.65 -17.13
N GLU A 121 -9.68 -9.85 -17.89
CA GLU A 121 -9.71 -9.93 -19.34
C GLU A 121 -8.98 -8.72 -19.93
N LEU A 122 -8.03 -9.01 -20.84
CA LEU A 122 -7.35 -7.97 -21.61
C LEU A 122 -8.11 -7.76 -22.91
N LEU A 123 -8.46 -6.50 -23.19
CA LEU A 123 -9.30 -6.16 -24.33
C LEU A 123 -8.46 -5.59 -25.47
N ASP A 124 -7.56 -4.65 -25.14
CA ASP A 124 -6.77 -3.99 -26.16
C ASP A 124 -5.49 -3.46 -25.53
N PHE A 125 -4.50 -3.13 -26.37
CA PHE A 125 -3.35 -2.35 -25.92
C PHE A 125 -2.74 -1.58 -27.09
N LYS A 126 -2.61 -0.26 -26.90
CA LYS A 126 -2.04 0.65 -27.89
C LYS A 126 -0.67 1.11 -27.38
N GLY A 127 0.26 1.33 -28.31
CA GLY A 127 1.62 1.71 -27.98
C GLY A 127 1.68 3.14 -27.45
N GLU A 128 2.70 3.41 -26.62
CA GLU A 128 2.81 4.59 -25.77
C GLU A 128 2.40 5.86 -26.54
N GLY B 1 3.32 10.77 30.39
CA GLY B 1 3.05 9.96 29.17
C GLY B 1 3.01 10.88 27.96
N ALA B 2 4.05 10.80 27.13
CA ALA B 2 4.04 11.44 25.83
C ALA B 2 2.74 11.13 25.10
N PRO B 3 2.22 9.88 25.14
CA PRO B 3 0.94 9.55 24.52
C PRO B 3 -0.26 10.33 25.07
N ALA B 4 -0.30 10.52 26.40
CA ALA B 4 -1.35 11.26 27.05
C ALA B 4 -1.25 12.74 26.69
N THR B 5 -0.04 13.30 26.71
CA THR B 5 0.14 14.71 26.38
C THR B 5 -0.50 14.98 25.01
N VAL B 6 -0.37 14.02 24.08
CA VAL B 6 -0.80 14.14 22.69
C VAL B 6 -2.34 14.07 22.59
N THR B 7 -2.93 13.15 23.37
CA THR B 7 -4.37 13.06 23.54
C THR B 7 -4.93 14.41 24.02
N GLU B 8 -4.50 14.89 25.17
CA GLU B 8 -5.00 16.15 25.72
C GLU B 8 -4.86 17.30 24.73
N GLN B 9 -3.66 17.43 24.12
CA GLN B 9 -3.22 18.71 23.60
C GLN B 9 -2.91 18.67 22.10
N GLY B 10 -3.07 17.49 21.49
CA GLY B 10 -2.57 17.31 20.14
C GLY B 10 -3.48 17.92 19.08
N GLU B 11 -2.86 18.33 17.99
CA GLU B 11 -3.58 18.88 16.84
C GLU B 11 -4.15 17.74 15.99
N ASP B 12 -5.47 17.80 15.73
CA ASP B 12 -6.14 16.88 14.83
C ASP B 12 -5.85 17.31 13.39
N ILE B 13 -5.09 16.48 12.69
CA ILE B 13 -4.62 16.81 11.37
C ILE B 13 -5.40 16.01 10.33
N THR B 14 -6.50 15.34 10.74
CA THR B 14 -7.30 14.57 9.79
C THR B 14 -8.17 15.54 8.99
N SER B 15 -8.51 15.09 7.78
CA SER B 15 -9.46 15.74 6.90
C SER B 15 -10.84 15.81 7.56
N LYS B 16 -11.28 14.62 8.01
CA LYS B 16 -12.62 14.39 8.53
C LYS B 16 -12.76 14.91 9.95
N LYS B 17 -11.66 15.40 10.53
CA LYS B 17 -11.65 15.93 11.88
C LYS B 17 -12.20 14.88 12.86
N ASP B 18 -11.63 13.67 12.78
CA ASP B 18 -12.08 12.56 13.59
C ASP B 18 -11.05 12.15 14.66
N ARG B 19 -10.10 13.03 14.98
CA ARG B 19 -9.10 12.78 16.00
C ARG B 19 -8.33 11.47 15.76
N GLY B 20 -8.26 11.01 14.50
CA GLY B 20 -7.69 9.71 14.21
C GLY B 20 -6.16 9.75 14.12
N VAL B 21 -5.63 10.95 13.83
CA VAL B 21 -4.19 11.21 13.85
C VAL B 21 -3.99 12.57 14.55
N LEU B 22 -3.24 12.51 15.66
CA LEU B 22 -3.00 13.65 16.53
C LEU B 22 -1.50 13.92 16.57
N LYS B 23 -1.14 15.21 16.60
CA LYS B 23 0.25 15.60 16.46
C LYS B 23 0.58 16.72 17.42
N ILE B 24 1.72 16.55 18.11
CA ILE B 24 2.43 17.65 18.71
C ILE B 24 3.80 17.72 18.03
N VAL B 25 4.22 18.95 17.73
CA VAL B 25 5.58 19.22 17.29
C VAL B 25 6.42 19.27 18.54
N LYS B 26 7.56 18.55 18.56
CA LYS B 26 8.44 18.51 19.74
C LYS B 26 9.76 19.24 19.46
N ARG B 27 10.22 19.23 18.20
CA ARG B 27 11.30 20.09 17.75
C ARG B 27 10.94 20.65 16.37
N VAL B 28 11.22 21.92 16.12
CA VAL B 28 10.85 22.60 14.89
C VAL B 28 11.93 22.34 13.81
N GLY B 29 11.51 22.25 12.55
CA GLY B 29 12.42 22.04 11.44
C GLY B 29 12.85 23.35 10.76
N ASN B 30 13.23 23.21 9.48
CA ASN B 30 13.82 24.31 8.72
C ASN B 30 12.92 24.68 7.55
N GLY B 31 12.86 25.99 7.33
CA GLY B 31 12.11 26.58 6.24
C GLY B 31 10.60 26.41 6.43
N GLU B 32 9.88 26.59 5.31
CA GLU B 32 8.45 26.37 5.23
C GLU B 32 8.16 25.07 4.47
N GLU B 33 9.13 24.62 3.66
CA GLU B 33 8.93 23.58 2.67
C GLU B 33 8.70 22.24 3.37
N THR B 34 7.60 21.57 3.00
CA THR B 34 7.30 20.23 3.46
C THR B 34 7.04 19.35 2.24
N PRO B 35 7.16 18.02 2.35
CA PRO B 35 7.21 17.16 1.17
C PRO B 35 5.87 16.97 0.47
N MET B 36 5.96 16.77 -0.85
CA MET B 36 4.81 16.52 -1.69
C MET B 36 4.70 15.03 -1.93
N ILE B 37 3.52 14.60 -2.35
CA ILE B 37 3.31 13.21 -2.69
C ILE B 37 4.28 12.77 -3.77
N GLY B 38 4.93 11.63 -3.54
CA GLY B 38 5.90 11.09 -4.48
C GLY B 38 7.33 11.56 -4.16
N ASP B 39 7.49 12.46 -3.18
CA ASP B 39 8.80 12.85 -2.70
C ASP B 39 9.40 11.65 -1.97
N LYS B 40 10.71 11.53 -2.08
CA LYS B 40 11.43 10.51 -1.34
C LYS B 40 11.91 11.13 -0.04
N VAL B 41 11.58 10.47 1.08
CA VAL B 41 11.80 11.04 2.40
C VAL B 41 12.65 10.11 3.27
N TYR B 42 13.47 10.74 4.11
CA TYR B 42 14.34 10.04 5.05
C TYR B 42 13.88 10.37 6.46
N VAL B 43 13.70 9.36 7.33
CA VAL B 43 13.32 9.62 8.72
C VAL B 43 14.06 8.69 9.70
N HIS B 44 14.12 9.13 10.97
CA HIS B 44 14.28 8.24 12.10
C HIS B 44 12.98 8.26 12.93
N TYR B 45 12.64 7.11 13.54
CA TYR B 45 11.38 6.99 14.27
C TYR B 45 11.51 6.02 15.44
N LYS B 46 10.66 6.25 16.45
CA LYS B 46 10.41 5.29 17.49
C LYS B 46 8.92 5.01 17.47
N GLY B 47 8.56 3.76 17.77
CA GLY B 47 7.19 3.34 17.60
C GLY B 47 6.81 2.30 18.64
N LYS B 48 5.55 2.36 19.08
CA LYS B 48 5.01 1.33 19.94
C LYS B 48 3.49 1.37 19.90
N LEU B 49 2.92 0.21 20.21
CA LEU B 49 1.55 0.10 20.68
C LEU B 49 1.49 0.94 21.95
N SER B 50 0.35 1.58 22.20
CA SER B 50 0.23 2.41 23.39
C SER B 50 0.09 1.51 24.63
N ASN B 51 -0.25 0.22 24.39
CA ASN B 51 -0.17 -0.83 25.39
C ASN B 51 1.25 -0.97 25.95
N GLY B 52 2.27 -0.60 25.14
CA GLY B 52 3.67 -0.67 25.51
C GLY B 52 4.22 -2.09 25.38
N LYS B 53 3.58 -2.88 24.51
CA LYS B 53 3.78 -4.32 24.46
C LYS B 53 4.72 -4.70 23.30
N LYS B 54 4.67 -3.95 22.18
CA LYS B 54 5.69 -4.04 21.14
C LYS B 54 6.33 -2.66 20.91
N PHE B 55 7.62 -2.67 20.52
CA PHE B 55 8.40 -1.47 20.29
C PHE B 55 9.25 -1.65 19.02
N ASP B 56 9.53 -0.55 18.30
CA ASP B 56 10.35 -0.61 17.11
C ASP B 56 11.03 0.74 16.85
N SER B 57 12.27 0.65 16.35
CA SER B 57 13.07 1.82 16.04
C SER B 57 13.99 1.55 14.84
N SER B 58 14.01 2.56 13.95
CA SER B 58 15.03 2.68 12.92
C SER B 58 16.44 2.58 13.51
N HIS B 59 16.64 3.12 14.73
CA HIS B 59 17.92 3.10 15.41
C HIS B 59 18.43 1.68 15.63
N ASP B 60 17.54 0.74 16.02
CA ASP B 60 17.90 -0.67 16.06
C ASP B 60 18.69 -1.03 14.80
N ARG B 61 18.30 -0.50 13.63
CA ARG B 61 18.93 -0.85 12.36
C ARG B 61 20.16 0.05 12.05
N ASN B 62 20.29 1.17 12.78
CA ASN B 62 21.48 2.02 12.77
C ASN B 62 21.54 2.89 11.51
N GLU B 63 20.39 3.26 10.96
CA GLU B 63 20.32 3.80 9.60
C GLU B 63 18.89 4.28 9.29
N PRO B 64 18.73 5.19 8.30
CA PRO B 64 17.45 5.87 8.11
C PRO B 64 16.43 4.99 7.39
N PHE B 65 15.15 5.30 7.66
CA PHE B 65 14.03 4.63 7.03
C PHE B 65 13.47 5.54 5.95
N VAL B 66 13.28 4.93 4.79
CA VAL B 66 13.09 5.64 3.54
C VAL B 66 11.86 5.08 2.88
N PHE B 67 10.98 5.99 2.44
CA PHE B 67 9.81 5.63 1.66
C PHE B 67 9.42 6.79 0.77
N SER B 68 8.52 6.47 -0.17
CA SER B 68 7.94 7.45 -1.07
C SER B 68 6.63 7.96 -0.47
N LEU B 69 6.57 9.27 -0.23
CA LEU B 69 5.46 9.84 0.50
C LEU B 69 4.17 9.65 -0.32
N GLY B 70 3.13 9.21 0.39
CA GLY B 70 1.78 9.19 -0.15
C GLY B 70 1.59 8.16 -1.24
N LYS B 71 2.44 7.11 -1.29
CA LYS B 71 2.23 6.01 -2.22
C LYS B 71 1.67 4.82 -1.44
N GLY B 72 1.22 5.06 -0.21
CA GLY B 72 0.73 4.00 0.68
C GLY B 72 1.73 2.87 0.93
N GLN B 73 3.02 3.20 0.98
CA GLN B 73 4.06 2.28 1.38
C GLN B 73 4.14 2.19 2.91
N VAL B 74 3.37 3.06 3.58
CA VAL B 74 3.29 3.10 5.04
C VAL B 74 1.84 3.31 5.40
N ILE B 75 1.49 3.10 6.66
CA ILE B 75 0.13 3.38 7.14
C ILE B 75 -0.30 4.82 6.81
N LYS B 76 -1.61 4.98 6.62
CA LYS B 76 -2.21 6.24 6.19
C LYS B 76 -1.75 7.38 7.11
N ALA B 77 -1.62 7.09 8.39
CA ALA B 77 -1.22 8.10 9.37
C ALA B 77 0.15 8.69 9.05
N TRP B 78 1.05 7.89 8.49
CA TRP B 78 2.40 8.39 8.19
C TRP B 78 2.36 9.30 6.97
N ASP B 79 1.66 8.85 5.92
CA ASP B 79 1.46 9.62 4.71
C ASP B 79 0.79 10.96 5.06
N ILE B 80 -0.10 10.99 6.05
CA ILE B 80 -0.72 12.24 6.45
C ILE B 80 0.26 13.05 7.30
N GLY B 81 0.86 12.44 8.31
CA GLY B 81 1.57 13.18 9.34
C GLY B 81 2.89 13.76 8.83
N VAL B 82 3.63 12.92 8.12
CA VAL B 82 4.96 13.27 7.66
C VAL B 82 4.82 14.41 6.65
N ALA B 83 3.70 14.44 5.92
CA ALA B 83 3.48 15.49 4.94
C ALA B 83 3.38 16.87 5.60
N THR B 84 2.98 16.90 6.89
CA THR B 84 2.88 18.16 7.60
C THR B 84 4.23 18.56 8.18
N MET B 85 5.31 17.80 7.95
CA MET B 85 6.56 18.01 8.68
C MET B 85 7.61 18.73 7.82
N LYS B 86 8.52 19.44 8.50
CA LYS B 86 9.61 20.18 7.87
C LYS B 86 10.93 19.45 8.05
N LYS B 87 11.88 19.68 7.13
CA LYS B 87 13.22 19.16 7.28
C LYS B 87 13.74 19.51 8.68
N GLY B 88 14.12 18.48 9.45
CA GLY B 88 14.66 18.68 10.79
C GLY B 88 13.61 18.69 11.89
N GLU B 89 12.31 18.56 11.56
CA GLU B 89 11.28 18.51 12.59
C GLU B 89 11.30 17.16 13.33
N ILE B 90 11.01 17.20 14.62
CA ILE B 90 10.57 16.01 15.36
C ILE B 90 9.13 16.24 15.76
N ALA B 91 8.29 15.22 15.63
CA ALA B 91 6.94 15.31 16.16
C ALA B 91 6.50 13.98 16.75
N HIS B 92 5.39 14.04 17.50
CA HIS B 92 4.77 12.89 18.12
C HIS B 92 3.44 12.65 17.42
N LEU B 93 3.14 11.39 17.09
CA LEU B 93 1.82 11.07 16.55
C LEU B 93 1.14 10.03 17.44
N LEU B 94 -0.16 10.28 17.70
CA LEU B 94 -1.01 9.25 18.25
C LEU B 94 -2.09 8.94 17.21
N ILE B 95 -2.30 7.64 17.00
CA ILE B 95 -3.03 7.18 15.83
C ILE B 95 -4.07 6.16 16.27
N LYS B 96 -5.32 6.35 15.83
CA LYS B 96 -6.36 5.36 16.03
C LYS B 96 -6.25 4.28 14.97
N PRO B 97 -6.76 3.05 15.24
CA PRO B 97 -6.63 1.93 14.32
C PRO B 97 -7.06 2.18 12.89
N GLU B 98 -8.06 3.03 12.70
CA GLU B 98 -8.57 3.33 11.37
C GLU B 98 -7.49 3.95 10.49
N TYR B 99 -6.48 4.62 11.08
CA TYR B 99 -5.40 5.18 10.29
C TYR B 99 -4.10 4.39 10.46
N ALA B 100 -4.17 3.28 11.20
CA ALA B 100 -3.07 2.33 11.23
C ALA B 100 -3.51 1.03 10.55
N TYR B 101 -3.83 0.00 11.34
CA TYR B 101 -3.96 -1.37 10.87
C TYR B 101 -5.36 -1.90 11.13
N GLY B 102 -6.30 -1.07 11.58
CA GLY B 102 -7.73 -1.36 11.56
C GLY B 102 -8.16 -2.44 12.54
N SER B 103 -9.38 -2.93 12.32
CA SER B 103 -9.90 -4.05 13.09
C SER B 103 -9.20 -5.36 12.73
N ALA B 104 -8.57 -5.47 11.54
CA ALA B 104 -7.93 -6.71 11.14
C ALA B 104 -6.60 -6.85 11.87
N GLY B 105 -6.02 -5.68 12.22
CA GLY B 105 -4.69 -5.59 12.80
C GLY B 105 -3.65 -6.14 11.81
N SER B 106 -2.57 -6.71 12.37
CA SER B 106 -1.53 -7.36 11.59
C SER B 106 -0.81 -8.33 12.48
N LEU B 107 -1.48 -9.42 12.83
CA LEU B 107 -0.97 -10.36 13.79
C LEU B 107 0.19 -11.15 13.20
N PRO B 108 1.13 -11.63 14.03
CA PRO B 108 1.05 -11.41 15.48
C PRO B 108 1.57 -10.05 15.98
N LYS B 109 2.34 -9.32 15.18
CA LYS B 109 2.98 -8.08 15.64
C LYS B 109 1.94 -7.08 16.16
N ILE B 110 0.90 -6.80 15.36
CA ILE B 110 -0.09 -5.80 15.66
C ILE B 110 -1.44 -6.45 15.93
N PRO B 111 -2.06 -6.18 17.10
CA PRO B 111 -3.39 -6.67 17.38
C PRO B 111 -4.49 -5.87 16.71
N SER B 112 -5.67 -6.48 16.69
CA SER B 112 -6.86 -5.84 16.20
C SER B 112 -7.13 -4.57 17.01
N ASN B 113 -7.58 -3.52 16.32
CA ASN B 113 -8.01 -2.27 16.94
C ASN B 113 -6.93 -1.65 17.82
N ALA B 114 -5.64 -1.78 17.41
CA ALA B 114 -4.53 -1.21 18.15
C ALA B 114 -4.42 0.29 17.88
N THR B 115 -4.02 1.05 18.93
CA THR B 115 -3.64 2.44 18.81
C THR B 115 -2.12 2.53 18.82
N LEU B 116 -1.52 3.38 17.98
CA LEU B 116 -0.08 3.48 17.84
C LEU B 116 0.40 4.86 18.24
N PHE B 117 1.66 4.88 18.67
CA PHE B 117 2.37 6.09 19.01
C PHE B 117 3.71 6.01 18.31
N PHE B 118 4.08 7.10 17.64
CA PHE B 118 5.40 7.25 17.06
C PHE B 118 5.99 8.59 17.49
N GLU B 119 7.30 8.59 17.69
CA GLU B 119 8.13 9.77 17.57
C GLU B 119 8.89 9.73 16.24
N ILE B 120 8.75 10.80 15.45
CA ILE B 120 9.32 10.87 14.11
C ILE B 120 10.20 12.11 13.98
N GLU B 121 11.43 11.90 13.48
CA GLU B 121 12.27 12.96 12.95
C GLU B 121 12.38 12.85 11.43
N LEU B 122 12.13 13.95 10.72
CA LEU B 122 12.35 14.03 9.28
C LEU B 122 13.74 14.59 9.02
N LEU B 123 14.53 13.89 8.20
CA LEU B 123 15.92 14.24 7.98
C LEU B 123 16.12 14.95 6.64
N ASP B 124 15.58 14.39 5.55
CA ASP B 124 15.66 15.03 4.25
C ASP B 124 14.46 14.61 3.40
N PHE B 125 14.25 15.29 2.26
CA PHE B 125 13.36 14.80 1.22
C PHE B 125 13.79 15.37 -0.13
N LYS B 126 13.97 14.46 -1.10
CA LYS B 126 14.35 14.79 -2.47
C LYS B 126 13.16 14.46 -3.37
N GLY B 127 13.05 15.15 -4.50
CA GLY B 127 11.98 14.91 -5.45
C GLY B 127 12.11 13.55 -6.14
N GLU B 128 10.96 13.03 -6.59
CA GLU B 128 10.83 11.76 -7.29
C GLU B 128 11.91 11.65 -8.39
C4 A1IOB C . -8.93 -1.57 -5.77
C14 A1IOB C . -6.23 2.18 -8.61
C5 A1IOB C . -10.04 -0.93 -6.29
C6 A1IOB C . -10.34 0.36 -5.92
C11 A1IOB C . -10.64 2.44 -9.33
C7 A1IOB C . -9.52 1.04 -5.01
C8 A1IOB C . -9.00 3.40 -5.04
C9 A1IOB C . -11.77 0.84 -7.78
C10 A1IOB C . -11.84 2.18 -8.46
C12 A1IOB C . -8.42 3.37 -9.18
C13 A1IOB C . -7.73 2.07 -8.85
N1 A1IOB C . -6.97 -2.77 -7.91
C3 A1IOB C . -8.11 -0.91 -4.85
C1 A1IOB C . -6.66 0.54 -2.84
O1 A1IOB C . -7.69 1.16 -3.59
C2 A1IOB C . -8.41 0.40 -4.47
O2 A1IOB C . -9.86 2.33 -4.64
O3 A1IOB C . -11.41 1.07 -6.41
O4 A1IOB C . -9.75 3.30 -8.64
C15 A1IOB C . -5.76 1.58 -7.29
C16 A1IOB C . -4.76 0.49 -7.49
O5 A1IOB C . -5.47 -0.68 -7.94
C17 A1IOB C . -4.73 -1.75 -8.18
O6 A1IOB C . -3.54 -1.77 -8.18
C18 A1IOB C . -5.59 -2.99 -8.39
C19 A1IOB C . -5.53 -3.36 -9.89
C20 A1IOB C . -6.35 -2.42 -10.73
C21 A1IOB C . -7.77 -2.48 -10.26
C22 A1IOB C . -7.88 -2.03 -8.81
C23 A1IOB C . -7.28 -3.19 -6.67
O7 A1IOB C . -6.42 -3.68 -5.93
C24 A1IOB C . -8.70 -3.01 -6.18
C25 A1IOB C . -9.03 -3.95 -4.99
C26 A1IOB C . -10.33 -3.51 -4.28
C27 A1IOB C . -10.77 -4.46 -3.18
C28 A1IOB C . -10.88 -5.90 -3.67
C29 A1IOB C . -9.58 -6.34 -4.30
C30 A1IOB C . -9.14 -5.42 -5.43
H20 A1IOB C . -5.76 1.74 -9.35
H19 A1IOB C . -5.97 3.13 -8.62
H5 A1IOB C . -10.59 -1.38 -6.90
H13 A1IOB C . -10.92 2.85 -10.17
H14 A1IOB C . -10.18 1.60 -9.54
H7 A1IOB C . -9.46 4.25 -4.90
H8 A1IOB C . -8.77 3.31 -5.97
H6 A1IOB C . -8.19 3.38 -4.50
H10 A1IOB C . -11.10 0.27 -8.23
H9 A1IOB C . -12.63 0.38 -7.83
H12 A1IOB C . -12.65 2.20 -9.01
H11 A1IOB C . -11.90 2.88 -7.78
H16 A1IOB C . -8.46 3.50 -10.14
H15 A1IOB C . -7.94 4.13 -8.76
H18 A1IOB C . -8.15 1.68 -8.07
H17 A1IOB C . -7.88 1.45 -9.60
H4 A1IOB C . -7.36 -1.36 -4.48
H2 A1IOB C . -6.30 1.18 -2.20
H3 A1IOB C . -5.96 0.25 -3.44
H1 A1IOB C . -7.03 -0.22 -2.37
H22 A1IOB C . -5.36 2.29 -6.73
H21 A1IOB C . -6.53 1.22 -6.80
H24 A1IOB C . -4.09 0.77 -8.15
H23 A1IOB C . -4.30 0.31 -6.65
H25 A1IOB C . -5.20 -3.74 -7.87
H27 A1IOB C . -4.59 -3.34 -10.19
H26 A1IOB C . -5.87 -4.28 -10.00
H28 A1IOB C . -6.30 -2.68 -11.67
H29 A1IOB C . -6.01 -1.50 -10.64
H30 A1IOB C . -8.10 -3.40 -10.34
H31 A1IOB C . -8.33 -1.90 -10.83
H32 A1IOB C . -8.81 -2.15 -8.51
H33 A1IOB C . -7.69 -1.06 -8.74
H34 A1IOB C . -9.31 -3.22 -6.93
H35 A1IOB C . -8.29 -3.88 -4.33
H36 A1IOB C . -11.05 -3.45 -4.96
H37 A1IOB C . -10.20 -2.63 -3.90
H39 A1IOB C . -10.12 -4.43 -2.44
H38 A1IOB C . -11.64 -4.18 -2.83
H41 A1IOB C . -11.10 -6.49 -2.92
H40 A1IOB C . -11.60 -5.97 -4.32
H43 A1IOB C . -8.88 -6.36 -3.61
H42 A1IOB C . -9.68 -7.25 -4.65
H44 A1IOB C . -9.78 -5.48 -6.16
H45 A1IOB C . -8.28 -5.71 -5.77
C4 A1IOB D . 6.21 -1.91 11.94
C14 A1IOB D . 7.14 -1.34 6.93
C5 A1IOB D . 7.50 -2.41 11.78
C6 A1IOB D . 7.72 -3.60 11.10
C11 A1IOB D . 10.19 -2.02 9.83
C7 A1IOB D . 6.64 -4.33 10.57
C8 A1IOB D . 7.41 -5.44 8.58
C9 A1IOB D . 10.03 -3.71 11.69
C10 A1IOB D . 10.93 -2.82 10.86
C12 A1IOB D . 9.51 -1.97 7.59
C13 A1IOB D . 8.06 -2.37 7.55
N1 A1IOB D . 5.61 1.08 10.99
C3 A1IOB D . 5.16 -2.63 11.42
C1 A1IOB D . 3.04 -4.13 10.25
O1 A1IOB D . 4.38 -4.61 10.21
C2 A1IOB D . 5.36 -3.83 10.75
O2 A1IOB D . 6.83 -5.53 9.88
O3 A1IOB D . 8.95 -4.15 10.86
O4 A1IOB D . 10.17 -2.75 8.60
C15 A1IOB D . 5.67 -1.77 6.99
C16 A1IOB D . 4.71 -0.70 7.42
O5 A1IOB D . 4.91 -0.11 8.75
C17 A1IOB D . 4.33 1.08 8.89
O6 A1IOB D . 3.65 1.55 8.03
C18 A1IOB D . 4.68 1.85 10.16
C19 A1IOB D . 5.25 3.23 9.82
C20 A1IOB D . 6.62 3.14 9.18
C21 A1IOB D . 7.54 2.44 10.12
C22 A1IOB D . 7.00 1.06 10.52
C23 A1IOB D . 5.06 0.32 11.97
O7 A1IOB D . 3.84 0.28 12.18
C24 A1IOB D . 5.94 -0.64 12.73
C25 A1IOB D . 5.26 -1.01 14.07
C26 A1IOB D . 5.97 -2.17 14.78
C27 A1IOB D . 5.29 -2.52 16.12
C28 A1IOB D . 5.20 -1.33 17.05
C29 A1IOB D . 4.53 -0.18 16.36
C30 A1IOB D . 5.17 0.19 15.02
H20 A1IOB D . 7.24 -0.48 7.40
H19 A1IOB D . 7.39 -1.20 5.99
H5 A1IOB D . 8.23 -1.93 12.13
H13 A1IOB D . 10.65 -1.16 9.69
H14 A1IOB D . 9.27 -1.83 10.13
H7 A1IOB D . 7.54 -6.34 8.23
H8 A1IOB D . 8.27 -5.00 8.63
H6 A1IOB D . 6.82 -4.95 7.99
H10 A1IOB D . 9.70 -3.21 12.47
H9 A1IOB D . 10.54 -4.49 12.02
H12 A1IOB D . 11.41 -2.22 11.46
H11 A1IOB D . 11.59 -3.39 10.41
H16 A1IOB D . 9.59 -1.01 7.79
H15 A1IOB D . 9.94 -2.13 6.72
H18 A1IOB D . 7.99 -3.21 7.04
H17 A1IOB D . 7.77 -2.56 8.46
H4 A1IOB D . 4.28 -2.32 11.56
H2 A1IOB D . 2.46 -4.77 9.82
H3 A1IOB D . 2.99 -3.28 9.77
H1 A1IOB D . 2.76 -3.99 11.17
H22 A1IOB D . 5.40 -2.09 6.11
H21 A1IOB D . 5.60 -2.53 7.61
H24 A1IOB D . 4.74 0.02 6.75
H23 A1IOB D . 3.80 -1.06 7.39
H25 A1IOB D . 3.83 1.97 10.67
H27 A1IOB D . 4.63 3.69 9.22
H26 A1IOB D . 5.31 3.76 10.66
H28 A1IOB D . 6.96 4.05 9.00
H29 A1IOB D . 6.56 2.66 8.32
H30 A1IOB D . 7.67 2.98 10.92
H31 A1IOB D . 8.42 2.33 9.69
H32 A1IOB D . 7.57 0.70 11.23
H33 A1IOB D . 7.07 0.45 9.75
H34 A1IOB D . 6.81 -0.20 12.93
H35 A1IOB D . 4.32 -1.31 13.87
H36 A1IOB D . 6.90 -1.92 14.94
H37 A1IOB D . 5.96 -2.96 14.20
H39 A1IOB D . 4.39 -2.86 15.94
H38 A1IOB D . 5.79 -3.24 16.55
H41 A1IOB D . 4.70 -1.57 17.86
H40 A1IOB D . 6.11 -1.06 17.33
H43 A1IOB D . 3.58 -0.41 16.21
H42 A1IOB D . 4.54 0.61 16.95
H44 A1IOB D . 6.07 0.53 15.18
H45 A1IOB D . 4.65 0.90 14.60
#